data_7P41
#
_entry.id   7P41
#
_cell.length_a   61.063
_cell.length_b   74.887
_cell.length_c   111.164
_cell.angle_alpha   90.000
_cell.angle_beta   90.000
_cell.angle_gamma   90.000
#
_symmetry.space_group_name_H-M   'P 21 21 21'
#
loop_
_entity.id
_entity.type
_entity.pdbx_description
1 polymer 'Mitochondrial amidoxime-reducing component 1,Endolysin,Mitochondrial amidoxime-reducing component 1'
2 non-polymer oxidanyl(oxidanylidene)molybdenum
3 non-polymer 'PHOSPHONIC ACIDMONO-(2-AMINO-5,6-DIMERCAPTO-4-OXO-3,7,8A,9,10,10A-HEXAHYDRO-4H-8-OXA-1,3,9,10-TETRAAZA-ANTHRACEN-7-YLMETHYL)ESTER'
4 non-polymer 2-[3-(2-HYDROXY-1,1-DIHYDROXYMETHYL-ETHYLAMINO)-PROPYLAMINO]-2-HYDROXYMETHYL-PROPANE-1,3-DIOL
5 non-polymer 'CHLORIDE ION'
6 water water
#
_entity_poly.entity_id   1
_entity_poly.type   'polypeptide(L)'
_entity_poly.pdbx_seq_one_letter_code
;MRGSMQQVGTVAQLWIYPVKSCKGVPVSEAECTAMGLRSGNLRDRFWLVINQEGNMVTARQEPRLVLISLTCDGDTLTLS
AMNIFEMLRIDEGLRLKIYKDTEGYYTIGIGHLLTKSPSLNAAKSELDKAIGRNCNGVITKDEAEKLFNQDVDAAVRGIL
RNAKLKPVYDSLDAVRRCALINMVFQMGETGVAGFTNSLRMLQQKRWDEAAVNLAKSRWYNQTPNRAKRVITTFRTGTWD
AYTKDLLLPIKTPTTNAVHKCRVHGLEIEGRDCGEATAQWITSFLKSQPYRLVHFEPHMRPRRPHQIADLFRPKDQIAYS
DTSPFLILSEASLADLNSRLEKKVKATNFRPNIVISGCDVYAEDSWDELLIGDVELKRVMACSRCILTTVDPDTGVMSRK
EPLETLKSYRQCDPSERKLYGKSPLFGQYFVLENPGTIKVGDPVYLLG
;
_entity_poly.pdbx_strand_id   D
#
loop_
_chem_comp.id
_chem_comp.type
_chem_comp.name
_chem_comp.formula
B3P non-polymer 2-[3-(2-HYDROXY-1,1-DIHYDROXYMETHYL-ETHYLAMINO)-PROPYLAMINO]-2-HYDROXYMETHYL-PROPANE-1,3-DIOL 'C11 H26 N2 O6'
CL non-polymer 'CHLORIDE ION' 'Cl -1'
EFK non-polymer oxidanyl(oxidanylidene)molybdenum 'H Mo O2'
MTE non-polymer 'PHOSPHONIC ACIDMONO-(2-AMINO-5,6-DIMERCAPTO-4-OXO-3,7,8A,9,10,10A-HEXAHYDRO-4H-8-OXA-1,3,9,10-TETRAAZA-ANTHRACEN-7-YLMETHYL)ESTER' 'C10 H14 N5 O6 P S2'
#
# COMPACT_ATOMS: atom_id res chain seq x y z
N MET A 5 28.05 -1.76 -22.51
CA MET A 5 29.07 -0.89 -21.94
C MET A 5 29.60 -1.48 -20.64
N GLN A 6 29.42 -0.74 -19.57
CA GLN A 6 29.81 -1.14 -18.23
C GLN A 6 28.56 -1.33 -17.38
N GLN A 7 28.47 -2.50 -16.74
CA GLN A 7 27.35 -2.77 -15.86
C GLN A 7 27.49 -1.96 -14.59
N VAL A 8 26.40 -1.29 -14.19
CA VAL A 8 26.39 -0.50 -12.98
C VAL A 8 25.37 -0.99 -11.97
N GLY A 9 24.58 -2.00 -12.32
CA GLY A 9 23.63 -2.58 -11.38
C GLY A 9 22.85 -3.70 -12.02
N THR A 10 21.81 -4.15 -11.32
CA THR A 10 20.92 -5.20 -11.77
C THR A 10 19.51 -4.78 -11.39
N VAL A 11 18.53 -5.08 -12.25
CA VAL A 11 17.14 -4.83 -11.91
C VAL A 11 16.74 -5.76 -10.79
N ALA A 12 16.26 -5.20 -9.68
CA ALA A 12 15.83 -5.95 -8.50
C ALA A 12 14.33 -6.00 -8.35
N GLN A 13 13.65 -4.91 -8.62
CA GLN A 13 12.20 -4.89 -8.54
C GLN A 13 11.61 -4.08 -9.68
N LEU A 14 10.42 -4.49 -10.12
CA LEU A 14 9.60 -3.74 -11.06
C LEU A 14 8.21 -3.58 -10.45
N TRP A 15 7.69 -2.36 -10.50
CA TRP A 15 6.42 -2.02 -9.89
C TRP A 15 5.58 -1.23 -10.87
N ILE A 16 4.32 -1.65 -11.01
CA ILE A 16 3.31 -0.91 -11.74
C ILE A 16 2.25 -0.48 -10.74
N TYR A 17 1.87 0.80 -10.80
CA TYR A 17 0.81 1.32 -9.92
C TYR A 17 -0.40 1.62 -10.80
N PRO A 18 -1.24 0.62 -11.08
CA PRO A 18 -2.25 0.84 -12.13
C PRO A 18 -3.16 1.99 -11.79
N VAL A 19 -3.65 2.06 -10.54
CA VAL A 19 -4.44 3.20 -10.10
C VAL A 19 -3.56 4.20 -9.37
N LYS A 20 -3.68 5.46 -9.76
CA LYS A 20 -2.96 6.50 -9.09
C LYS A 20 -3.22 6.45 -7.58
N SER A 21 -2.14 6.51 -6.82
CA SER A 21 -2.09 6.54 -5.38
C SER A 21 -2.49 5.23 -4.69
N CYS A 22 -2.76 4.18 -5.44
CA CYS A 22 -3.11 2.90 -4.83
C CYS A 22 -1.91 1.94 -4.83
N LYS A 23 -2.15 0.71 -4.38
CA LYS A 23 -1.06 -0.21 -4.13
C LYS A 23 -0.35 -0.59 -5.41
N GLY A 24 0.97 -0.79 -5.28
CA GLY A 24 1.76 -1.26 -6.40
C GLY A 24 1.59 -2.75 -6.65
N VAL A 25 1.78 -3.12 -7.91
CA VAL A 25 1.75 -4.50 -8.39
C VAL A 25 3.19 -4.90 -8.72
N PRO A 26 3.78 -5.83 -7.97
CA PRO A 26 5.13 -6.29 -8.30
C PRO A 26 5.08 -7.23 -9.49
N VAL A 27 6.04 -7.09 -10.41
CA VAL A 27 6.09 -7.94 -11.58
C VAL A 27 7.53 -8.36 -11.85
N SER A 28 7.68 -9.52 -12.51
CA SER A 28 9.01 -10.00 -12.83
C SER A 28 9.49 -9.49 -14.18
N GLU A 29 8.56 -9.03 -15.03
CA GLU A 29 8.87 -8.55 -16.38
CA GLU A 29 8.86 -8.57 -16.38
C GLU A 29 7.86 -7.46 -16.71
N ALA A 30 8.29 -6.49 -17.51
CA ALA A 30 7.36 -5.45 -17.94
C ALA A 30 7.82 -4.86 -19.26
N GLU A 31 6.85 -4.46 -20.08
CA GLU A 31 7.18 -3.65 -21.24
C GLU A 31 7.40 -2.20 -20.81
N CYS A 32 8.43 -1.57 -21.38
CA CYS A 32 8.67 -0.15 -21.19
C CYS A 32 8.05 0.55 -22.38
N THR A 33 6.99 1.31 -22.14
CA THR A 33 6.36 2.14 -23.16
C THR A 33 6.75 3.59 -22.91
N ALA A 34 6.47 4.45 -23.89
CA ALA A 34 6.80 5.86 -23.73
C ALA A 34 6.10 6.48 -22.52
N MET A 35 4.96 5.90 -22.10
CA MET A 35 4.18 6.45 -21.00
C MET A 35 4.53 5.80 -19.67
N GLY A 36 5.38 4.75 -19.69
CA GLY A 36 5.68 4.04 -18.47
C GLY A 36 5.58 2.53 -18.64
N LEU A 37 5.61 1.80 -17.53
CA LEU A 37 5.61 0.34 -17.58
C LEU A 37 4.23 -0.21 -17.95
N ARG A 38 4.22 -1.36 -18.60
CA ARG A 38 3.01 -2.06 -18.97
C ARG A 38 3.25 -3.54 -18.69
N SER A 39 2.26 -4.20 -18.09
CA SER A 39 2.26 -5.66 -17.97
C SER A 39 0.86 -6.11 -18.38
N GLY A 40 0.73 -6.64 -19.57
CA GLY A 40 -0.58 -7.04 -20.04
C GLY A 40 -1.51 -5.85 -20.07
N ASN A 41 -2.62 -6.01 -19.35
CA ASN A 41 -3.65 -4.99 -19.29
C ASN A 41 -3.39 -3.93 -18.24
N LEU A 42 -2.37 -4.09 -17.41
CA LEU A 42 -2.04 -3.09 -16.41
C LEU A 42 -0.99 -2.14 -16.93
N ARG A 43 -1.29 -0.86 -16.90
CA ARG A 43 -0.36 0.19 -17.27
C ARG A 43 -0.27 1.17 -16.12
N ASP A 44 0.92 1.77 -15.97
CA ASP A 44 1.25 2.58 -14.81
C ASP A 44 0.40 3.85 -14.78
N ARG A 45 -0.31 4.04 -13.67
CA ARG A 45 -1.22 5.17 -13.48
C ARG A 45 -2.10 5.41 -14.71
N PHE A 46 -2.73 4.32 -15.18
CA PHE A 46 -3.77 4.43 -16.22
C PHE A 46 -5.19 4.43 -15.63
N TRP A 47 -5.33 4.32 -14.30
CA TRP A 47 -6.61 4.53 -13.63
C TRP A 47 -6.47 5.63 -12.60
N LEU A 48 -7.58 6.30 -12.31
CA LEU A 48 -7.61 7.48 -11.46
C LEU A 48 -8.92 7.49 -10.70
N VAL A 49 -8.84 7.81 -9.41
CA VAL A 49 -10.03 8.09 -8.60
C VAL A 49 -10.31 9.59 -8.69
N ILE A 50 -11.56 9.94 -8.99
CA ILE A 50 -11.96 11.34 -9.07
C ILE A 50 -13.13 11.63 -8.15
N ASN A 51 -13.24 12.89 -7.79
CA ASN A 51 -14.38 13.35 -7.01
C ASN A 51 -15.46 13.91 -7.96
N GLN A 52 -16.53 14.43 -7.36
CA GLN A 52 -17.69 14.79 -8.16
C GLN A 52 -17.40 15.95 -9.11
N GLU A 53 -16.41 16.77 -8.78
CA GLU A 53 -15.95 17.89 -9.58
C GLU A 53 -14.98 17.44 -10.67
N GLY A 54 -14.66 16.15 -10.76
CA GLY A 54 -13.70 15.67 -11.73
C GLY A 54 -12.25 15.79 -11.31
N ASN A 55 -11.97 16.22 -10.10
CA ASN A 55 -10.60 16.40 -9.69
CA ASN A 55 -10.59 16.40 -9.68
C ASN A 55 -10.02 15.10 -9.14
N MET A 56 -8.73 14.94 -9.35
CA MET A 56 -8.05 13.78 -8.84
C MET A 56 -8.26 13.65 -7.34
N VAL A 57 -8.27 12.40 -6.88
CA VAL A 57 -8.19 12.07 -5.45
C VAL A 57 -6.91 11.27 -5.29
N THR A 58 -5.99 11.77 -4.49
CA THR A 58 -4.70 11.11 -4.30
C THR A 58 -4.55 10.75 -2.84
N ALA A 59 -3.44 10.09 -2.53
CA ALA A 59 -3.21 9.68 -1.14
C ALA A 59 -2.89 10.86 -0.25
N ARG A 60 -2.68 12.06 -0.80
CA ARG A 60 -2.61 13.24 0.06
C ARG A 60 -3.97 13.56 0.69
N GLN A 61 -5.06 13.30 -0.04
CA GLN A 61 -6.44 13.50 0.41
C GLN A 61 -6.97 12.27 1.13
N GLU A 62 -6.63 11.10 0.60
CA GLU A 62 -7.18 9.82 1.05
C GLU A 62 -6.05 8.81 1.16
N PRO A 63 -5.27 8.88 2.23
CA PRO A 63 -4.14 7.95 2.35
C PRO A 63 -4.53 6.47 2.30
N ARG A 64 -5.78 6.13 2.62
CA ARG A 64 -6.19 4.73 2.53
C ARG A 64 -6.31 4.23 1.10
N LEU A 65 -6.16 5.10 0.09
CA LEU A 65 -6.03 4.58 -1.27
C LEU A 65 -4.89 3.58 -1.39
N VAL A 66 -3.82 3.71 -0.59
CA VAL A 66 -2.71 2.81 -0.76
C VAL A 66 -3.08 1.37 -0.39
N LEU A 67 -4.20 1.19 0.30
CA LEU A 67 -4.65 -0.15 0.67
C LEU A 67 -5.37 -0.86 -0.46
N ILE A 68 -5.82 -0.10 -1.46
CA ILE A 68 -6.57 -0.67 -2.58
C ILE A 68 -5.61 -1.23 -3.60
N SER A 69 -5.85 -2.49 -4.03
CA SER A 69 -5.08 -3.06 -5.11
C SER A 69 -6.01 -3.36 -6.29
N LEU A 70 -5.52 -3.09 -7.48
CA LEU A 70 -6.12 -3.51 -8.74
C LEU A 70 -5.14 -4.47 -9.39
N THR A 71 -5.54 -5.72 -9.54
CA THR A 71 -4.67 -6.73 -10.12
C THR A 71 -5.41 -7.35 -11.29
N CYS A 72 -4.66 -8.07 -12.13
CA CYS A 72 -5.25 -8.69 -13.31
C CYS A 72 -4.71 -10.09 -13.47
N ASP A 73 -5.63 -11.02 -13.70
CA ASP A 73 -5.36 -12.42 -14.00
C ASP A 73 -5.92 -12.59 -15.40
N GLY A 74 -5.12 -12.21 -16.40
CA GLY A 74 -5.48 -12.39 -17.79
C GLY A 74 -6.82 -11.86 -18.23
N ASP A 75 -7.88 -12.41 -17.67
CA ASP A 75 -9.22 -12.19 -18.17
C ASP A 75 -10.08 -11.30 -17.27
N THR A 76 -9.62 -11.01 -16.07
CA THR A 76 -10.46 -10.37 -15.06
C THR A 76 -9.60 -9.43 -14.23
N LEU A 77 -10.14 -8.26 -13.90
CA LEU A 77 -9.51 -7.35 -12.96
C LEU A 77 -10.12 -7.60 -11.59
N THR A 78 -9.31 -7.52 -10.55
CA THR A 78 -9.81 -7.64 -9.19
C THR A 78 -9.45 -6.38 -8.42
N LEU A 79 -10.43 -5.77 -7.78
CA LEU A 79 -10.20 -4.75 -6.76
C LEU A 79 -10.33 -5.38 -5.38
N SER A 80 -9.34 -5.10 -4.52
CA SER A 80 -9.29 -5.65 -3.17
C SER A 80 -8.72 -4.58 -2.26
N ALA A 81 -9.16 -4.60 -1.01
CA ALA A 81 -8.70 -3.61 -0.05
C ALA A 81 -8.38 -4.18 1.31
N MET A 82 -8.48 -5.48 1.50
CA MET A 82 -8.41 -6.03 2.84
C MET A 82 -7.00 -6.48 3.14
N ASN A 83 -6.66 -6.45 4.43
CA ASN A 83 -5.45 -7.04 5.01
C ASN A 83 -5.73 -7.16 6.50
N ILE A 84 -4.74 -7.61 7.26
CA ILE A 84 -5.00 -7.90 8.67
C ILE A 84 -5.43 -6.63 9.42
N PHE A 85 -4.84 -5.48 9.12
CA PHE A 85 -5.17 -4.27 9.86
C PHE A 85 -6.62 -3.88 9.61
N GLU A 86 -7.06 -3.92 8.35
CA GLU A 86 -8.43 -3.58 8.07
C GLU A 86 -9.41 -4.58 8.68
N MET A 87 -9.07 -5.87 8.64
CA MET A 87 -9.92 -6.91 9.22
C MET A 87 -10.13 -6.67 10.71
N LEU A 88 -9.06 -6.36 11.42
CA LEU A 88 -9.17 -6.13 12.85
C LEU A 88 -9.81 -4.78 13.17
N ARG A 89 -9.64 -3.76 12.33
CA ARG A 89 -10.39 -2.52 12.53
C ARG A 89 -11.87 -2.82 12.55
N ILE A 90 -12.34 -3.63 11.58
CA ILE A 90 -13.74 -3.95 11.50
C ILE A 90 -14.20 -4.70 12.75
N ASP A 91 -13.39 -5.66 13.21
CA ASP A 91 -13.82 -6.52 14.29
C ASP A 91 -13.61 -5.92 15.66
N GLU A 92 -12.63 -5.02 15.80
CA GLU A 92 -12.29 -4.46 17.12
C GLU A 92 -12.88 -3.06 17.36
N GLY A 93 -13.23 -2.32 16.34
CA GLY A 93 -13.73 -0.98 16.51
C GLY A 93 -12.68 0.03 16.93
N LEU A 94 -13.17 1.21 17.30
CA LEU A 94 -12.29 2.33 17.65
C LEU A 94 -12.97 3.13 18.75
N ARG A 95 -12.28 3.30 19.88
CA ARG A 95 -12.76 4.15 20.97
C ARG A 95 -11.59 4.98 21.45
N LEU A 96 -11.82 6.30 21.56
CA LEU A 96 -10.73 7.24 21.85
C LEU A 96 -10.64 7.56 23.34
N LYS A 97 -11.60 7.08 24.12
CA LYS A 97 -11.63 7.25 25.57
C LYS A 97 -11.54 5.89 26.26
N ILE A 98 -10.95 5.86 27.45
CA ILE A 98 -10.90 4.61 28.20
C ILE A 98 -12.31 4.06 28.37
N TYR A 99 -12.45 2.77 28.09
CA TYR A 99 -13.71 2.07 28.25
C TYR A 99 -13.42 0.71 28.88
N LYS A 100 -14.48 0.00 29.26
CA LYS A 100 -14.35 -1.35 29.78
C LYS A 100 -14.76 -2.34 28.69
N ASP A 101 -13.91 -3.33 28.43
CA ASP A 101 -14.26 -4.37 27.47
C ASP A 101 -15.34 -5.29 28.03
N THR A 102 -15.73 -6.29 27.24
CA THR A 102 -16.86 -7.10 27.66
C THR A 102 -16.56 -7.93 28.90
N GLU A 103 -15.28 -8.06 29.27
CA GLU A 103 -14.87 -8.69 30.51
C GLU A 103 -14.62 -7.68 31.63
N GLY A 104 -14.92 -6.40 31.39
CA GLY A 104 -14.81 -5.38 32.42
C GLY A 104 -13.45 -4.75 32.57
N TYR A 105 -12.51 -5.05 31.67
CA TYR A 105 -11.14 -4.56 31.79
C TYR A 105 -10.93 -3.25 31.05
N TYR A 106 -10.15 -2.35 31.66
CA TYR A 106 -9.90 -1.06 31.05
C TYR A 106 -9.10 -1.20 29.76
N THR A 107 -9.61 -0.54 28.72
CA THR A 107 -9.18 -0.68 27.32
C THR A 107 -9.29 0.68 26.64
N ILE A 108 -8.59 0.84 25.53
CA ILE A 108 -8.70 2.06 24.74
C ILE A 108 -8.36 1.74 23.29
N GLY A 109 -8.76 2.62 22.40
CA GLY A 109 -8.29 2.53 21.00
C GLY A 109 -8.92 1.37 20.25
N ILE A 110 -8.08 0.58 19.56
CA ILE A 110 -8.53 -0.55 18.76
C ILE A 110 -8.32 -1.81 19.59
N GLY A 111 -9.14 -1.98 20.63
CA GLY A 111 -9.01 -3.18 21.43
C GLY A 111 -7.74 -3.27 22.25
N HIS A 112 -7.13 -2.14 22.63
CA HIS A 112 -5.87 -2.18 23.37
C HIS A 112 -6.13 -2.26 24.87
N LEU A 113 -5.93 -3.45 25.44
CA LEU A 113 -6.07 -3.64 26.89
C LEU A 113 -5.02 -2.85 27.64
N LEU A 114 -5.46 -2.05 28.61
CA LEU A 114 -4.53 -1.26 29.42
C LEU A 114 -4.10 -1.98 30.68
N THR A 115 -5.05 -2.63 31.34
CA THR A 115 -4.76 -3.34 32.58
C THR A 115 -5.98 -4.19 32.91
N LYS A 116 -5.75 -5.24 33.70
CA LYS A 116 -6.86 -5.99 34.29
C LYS A 116 -7.18 -5.51 35.69
N SER A 117 -6.38 -4.59 36.23
CA SER A 117 -6.66 -4.02 37.53
C SER A 117 -7.99 -3.27 37.54
N PRO A 118 -8.72 -3.29 38.66
CA PRO A 118 -9.94 -2.46 38.74
C PRO A 118 -9.65 -0.98 38.97
N SER A 119 -8.38 -0.62 39.07
CA SER A 119 -7.95 0.74 39.36
C SER A 119 -7.88 1.58 38.09
N LEU A 120 -8.76 2.57 37.98
CA LEU A 120 -8.63 3.53 36.89
C LEU A 120 -7.26 4.22 36.92
N ASN A 121 -6.69 4.46 38.11
CA ASN A 121 -5.37 5.06 38.15
C ASN A 121 -4.36 4.21 37.41
N ALA A 122 -4.45 2.88 37.59
CA ALA A 122 -3.52 1.98 36.92
C ALA A 122 -3.73 2.02 35.42
N ALA A 123 -4.98 2.09 34.97
CA ALA A 123 -5.24 2.17 33.54
C ALA A 123 -4.65 3.44 32.93
N LYS A 124 -4.82 4.59 33.61
CA LYS A 124 -4.32 5.85 33.10
C LYS A 124 -2.81 5.92 33.16
N SER A 125 -2.21 5.30 34.18
CA SER A 125 -0.76 5.24 34.21
C SER A 125 -0.23 4.42 33.05
N GLU A 126 -0.86 3.29 32.76
CA GLU A 126 -0.46 2.49 31.60
C GLU A 126 -0.66 3.26 30.30
N LEU A 127 -1.76 3.99 30.19
CA LEU A 127 -2.03 4.77 28.98
C LEU A 127 -0.95 5.82 28.76
N ASP A 128 -0.62 6.59 29.81
CA ASP A 128 0.35 7.65 29.64
C ASP A 128 1.73 7.10 29.32
N LYS A 129 2.05 5.93 29.87
CA LYS A 129 3.30 5.26 29.57
C LYS A 129 3.33 4.82 28.12
N ALA A 130 2.24 4.22 27.64
CA ALA A 130 2.22 3.71 26.28
C ALA A 130 2.21 4.81 25.23
N ILE A 131 1.69 5.99 25.55
CA ILE A 131 1.55 7.06 24.56
C ILE A 131 2.69 8.06 24.71
N GLY A 132 3.21 8.20 25.92
CA GLY A 132 4.30 9.13 26.16
C GLY A 132 3.88 10.54 26.48
N ARG A 133 2.66 10.75 26.94
CA ARG A 133 2.18 12.08 27.31
C ARG A 133 1.06 11.89 28.32
N ASN A 134 0.66 13.01 28.94
CA ASN A 134 -0.47 13.04 29.86
C ASN A 134 -1.77 13.07 29.06
N CYS A 135 -2.38 11.89 28.84
CA CYS A 135 -3.58 11.88 28.03
C CYS A 135 -4.88 12.08 28.77
N ASN A 136 -4.87 12.04 30.10
CA ASN A 136 -6.10 12.10 30.89
C ASN A 136 -7.20 11.21 30.33
N GLY A 137 -6.84 9.98 29.97
CA GLY A 137 -7.82 9.01 29.52
C GLY A 137 -8.34 9.15 28.10
N VAL A 138 -7.71 9.97 27.26
CA VAL A 138 -8.21 10.26 25.92
C VAL A 138 -7.04 10.30 24.96
N ILE A 139 -7.18 9.63 23.81
CA ILE A 139 -6.16 9.63 22.78
C ILE A 139 -6.78 10.05 21.46
N THR A 140 -5.90 10.33 20.49
CA THR A 140 -6.31 10.61 19.14
C THR A 140 -6.37 9.32 18.33
N LYS A 141 -7.01 9.40 17.17
CA LYS A 141 -7.05 8.25 16.28
C LYS A 141 -5.65 7.85 15.83
N ASP A 142 -4.79 8.84 15.54
CA ASP A 142 -3.41 8.53 15.16
C ASP A 142 -2.72 7.74 16.27
N GLU A 143 -2.94 8.13 17.53
CA GLU A 143 -2.34 7.38 18.64
C GLU A 143 -2.94 5.98 18.75
N ALA A 144 -4.25 5.86 18.54
CA ALA A 144 -4.87 4.54 18.57
C ALA A 144 -4.30 3.65 17.47
N GLU A 145 -4.08 4.22 16.28
CA GLU A 145 -3.50 3.42 15.19
C GLU A 145 -2.05 3.03 15.48
N LYS A 146 -1.28 3.89 16.14
CA LYS A 146 0.08 3.52 16.53
C LYS A 146 0.10 2.34 17.47
N LEU A 147 -0.72 2.39 18.53
CA LEU A 147 -0.78 1.25 19.43
C LEU A 147 -1.23 0.00 18.69
N PHE A 148 -2.18 0.15 17.77
CA PHE A 148 -2.71 -0.97 17.00
C PHE A 148 -1.62 -1.63 16.18
N ASN A 149 -0.80 -0.82 15.49
CA ASN A 149 0.27 -1.41 14.68
C ASN A 149 1.22 -2.18 15.56
N GLN A 150 1.52 -1.63 16.75
CA GLN A 150 2.39 -2.35 17.69
C GLN A 150 1.76 -3.67 18.11
N ASP A 151 0.46 -3.65 18.42
CA ASP A 151 -0.20 -4.85 18.90
C ASP A 151 -0.29 -5.94 17.83
N VAL A 152 -0.55 -5.55 16.57
CA VAL A 152 -0.61 -6.54 15.50
C VAL A 152 0.77 -7.16 15.28
N ASP A 153 1.81 -6.32 15.24
CA ASP A 153 3.16 -6.87 15.06
C ASP A 153 3.49 -7.82 16.18
N ALA A 154 3.10 -7.49 17.41
CA ALA A 154 3.36 -8.37 18.54
C ALA A 154 2.63 -9.70 18.40
N ALA A 155 1.40 -9.67 17.88
CA ALA A 155 0.65 -10.90 17.72
C ALA A 155 1.34 -11.81 16.73
N VAL A 156 1.84 -11.24 15.63
CA VAL A 156 2.50 -12.05 14.60
C VAL A 156 3.82 -12.60 15.12
N ARG A 157 4.64 -11.74 15.72
CA ARG A 157 5.88 -12.23 16.34
C ARG A 157 5.59 -13.37 17.30
N GLY A 158 4.53 -13.23 18.11
CA GLY A 158 4.16 -14.28 19.03
C GLY A 158 3.77 -15.59 18.35
N ILE A 159 2.98 -15.52 17.28
CA ILE A 159 2.63 -16.72 16.54
C ILE A 159 3.89 -17.44 16.07
N LEU A 160 4.85 -16.68 15.54
CA LEU A 160 6.03 -17.26 14.93
C LEU A 160 6.96 -17.88 15.98
N ARG A 161 6.81 -17.51 17.23
CA ARG A 161 7.59 -18.09 18.31
C ARG A 161 6.87 -19.23 19.02
N ASN A 162 5.63 -19.53 18.63
CA ASN A 162 4.81 -20.53 19.26
C ASN A 162 4.87 -21.83 18.48
N ALA A 163 5.32 -22.89 19.13
CA ALA A 163 5.53 -24.14 18.41
C ALA A 163 4.23 -24.81 17.96
N LYS A 164 3.11 -24.49 18.59
CA LYS A 164 1.83 -25.05 18.18
C LYS A 164 1.21 -24.25 17.04
N LEU A 165 1.43 -22.93 17.02
CA LEU A 165 0.77 -22.08 16.02
C LEU A 165 1.60 -21.87 14.76
N LYS A 166 2.94 -21.83 14.87
CA LYS A 166 3.75 -21.55 13.69
C LYS A 166 3.52 -22.55 12.58
N PRO A 167 3.49 -23.87 12.82
CA PRO A 167 3.27 -24.79 11.70
C PRO A 167 1.95 -24.54 10.98
N VAL A 168 0.89 -24.23 11.72
CA VAL A 168 -0.39 -23.96 11.08
C VAL A 168 -0.30 -22.65 10.29
N TYR A 169 0.17 -21.58 10.96
CA TYR A 169 0.33 -20.29 10.29
C TYR A 169 1.12 -20.41 9.00
N ASP A 170 2.26 -21.07 9.06
CA ASP A 170 3.10 -21.19 7.88
C ASP A 170 2.37 -21.90 6.75
N SER A 171 1.53 -22.87 7.10
CA SER A 171 0.79 -23.65 6.11
C SER A 171 -0.33 -22.87 5.44
N LEU A 172 -0.78 -21.77 6.05
CA LEU A 172 -1.95 -21.06 5.56
C LEU A 172 -1.56 -20.07 4.47
N ASP A 173 -2.48 -19.88 3.53
CA ASP A 173 -2.40 -18.83 2.55
C ASP A 173 -2.56 -17.47 3.21
N ALA A 174 -2.27 -16.42 2.43
CA ALA A 174 -2.22 -15.09 3.01
C ALA A 174 -3.52 -14.69 3.67
N VAL A 175 -4.64 -14.95 3.03
CA VAL A 175 -5.91 -14.52 3.63
C VAL A 175 -6.18 -15.30 4.91
N ARG A 176 -5.98 -16.62 4.90
CA ARG A 176 -6.28 -17.41 6.09
C ARG A 176 -5.30 -17.12 7.21
N ARG A 177 -4.08 -16.72 6.88
CA ARG A 177 -3.16 -16.26 7.91
C ARG A 177 -3.76 -15.09 8.68
N CYS A 178 -4.45 -14.18 8.00
CA CYS A 178 -5.07 -13.06 8.70
C CYS A 178 -6.13 -13.52 9.67
N ALA A 179 -6.91 -14.55 9.29
CA ALA A 179 -7.92 -15.05 10.21
C ALA A 179 -7.28 -15.62 11.47
N LEU A 180 -6.12 -16.29 11.33
CA LEU A 180 -5.46 -16.80 12.53
C LEU A 180 -4.90 -15.67 13.38
N ILE A 181 -4.32 -14.63 12.75
CA ILE A 181 -3.85 -13.49 13.54
C ILE A 181 -5.02 -12.84 14.28
N ASN A 182 -6.17 -12.74 13.59
CA ASN A 182 -7.37 -12.15 14.17
C ASN A 182 -7.71 -12.85 15.49
N MET A 183 -7.77 -14.18 15.47
CA MET A 183 -8.10 -14.93 16.69
C MET A 183 -7.06 -14.66 17.78
N VAL A 184 -5.78 -14.64 17.42
CA VAL A 184 -4.75 -14.41 18.44
C VAL A 184 -4.87 -13.01 19.02
N PHE A 185 -5.16 -12.01 18.18
CA PHE A 185 -5.38 -10.66 18.67
C PHE A 185 -6.52 -10.64 19.66
N GLN A 186 -7.59 -11.38 19.37
CA GLN A 186 -8.76 -11.32 20.23
C GLN A 186 -8.51 -12.02 21.56
N MET A 187 -8.01 -13.26 21.52
CA MET A 187 -8.00 -14.12 22.69
CA MET A 187 -8.00 -14.18 22.65
C MET A 187 -6.62 -14.50 23.20
N GLY A 188 -5.54 -14.11 22.51
CA GLY A 188 -4.18 -14.43 22.92
C GLY A 188 -3.69 -15.78 22.39
N GLU A 189 -2.35 -15.93 22.39
CA GLU A 189 -1.72 -17.14 21.84
C GLU A 189 -2.18 -18.42 22.54
N THR A 190 -2.13 -18.41 23.88
CA THR A 190 -2.46 -19.64 24.61
C THR A 190 -3.87 -20.09 24.34
N GLY A 191 -4.82 -19.15 24.28
CA GLY A 191 -6.19 -19.50 23.95
C GLY A 191 -6.30 -20.14 22.58
N VAL A 192 -5.64 -19.56 21.58
CA VAL A 192 -5.78 -20.09 20.23
C VAL A 192 -5.06 -21.44 20.11
N ALA A 193 -3.94 -21.59 20.80
CA ALA A 193 -3.21 -22.85 20.79
C ALA A 193 -4.02 -23.99 21.40
N GLY A 194 -5.08 -23.69 22.13
CA GLY A 194 -5.98 -24.67 22.68
C GLY A 194 -6.95 -25.29 21.71
N PHE A 195 -7.05 -24.72 20.51
CA PHE A 195 -7.98 -25.23 19.49
C PHE A 195 -7.33 -26.39 18.72
N THR A 196 -6.98 -27.45 19.46
CA THR A 196 -6.15 -28.50 18.88
C THR A 196 -6.76 -29.12 17.63
N ASN A 197 -8.04 -29.49 17.69
CA ASN A 197 -8.65 -30.16 16.55
C ASN A 197 -8.84 -29.23 15.36
N SER A 198 -9.32 -28.02 15.60
CA SER A 198 -9.54 -27.10 14.49
C SER A 198 -8.21 -26.74 13.84
N LEU A 199 -7.18 -26.58 14.64
CA LEU A 199 -5.88 -26.23 14.07
C LEU A 199 -5.35 -27.37 13.20
N ARG A 200 -5.52 -28.62 13.66
CA ARG A 200 -5.16 -29.76 12.82
C ARG A 200 -5.93 -29.74 11.49
N MET A 201 -7.25 -29.51 11.55
CA MET A 201 -8.02 -29.47 10.33
C MET A 201 -7.52 -28.37 9.40
N LEU A 202 -7.21 -27.19 9.96
CA LEU A 202 -6.72 -26.09 9.13
C LEU A 202 -5.40 -26.44 8.46
N GLN A 203 -4.47 -27.02 9.22
CA GLN A 203 -3.17 -27.38 8.65
C GLN A 203 -3.33 -28.44 7.56
N GLN A 204 -4.38 -29.28 7.66
CA GLN A 204 -4.70 -30.27 6.64
C GLN A 204 -5.56 -29.73 5.52
N LYS A 205 -5.95 -28.44 5.56
CA LYS A 205 -6.74 -27.77 4.53
C LYS A 205 -8.15 -28.38 4.43
N ARG A 206 -8.62 -28.88 5.55
CA ARG A 206 -9.98 -29.40 5.65
C ARG A 206 -10.89 -28.26 6.09
N TRP A 207 -11.14 -27.35 5.14
CA TRP A 207 -11.72 -26.04 5.46
C TRP A 207 -13.13 -26.17 5.99
N ASP A 208 -13.97 -26.95 5.32
CA ASP A 208 -15.36 -27.07 5.78
C ASP A 208 -15.41 -27.74 7.15
N GLU A 209 -14.60 -28.77 7.36
CA GLU A 209 -14.56 -29.42 8.66
C GLU A 209 -14.06 -28.48 9.75
N ALA A 210 -13.01 -27.71 9.46
CA ALA A 210 -12.53 -26.74 10.44
C ALA A 210 -13.60 -25.73 10.78
N ALA A 211 -14.34 -25.26 9.76
CA ALA A 211 -15.36 -24.25 9.99
C ALA A 211 -16.46 -24.82 10.87
N VAL A 212 -16.88 -26.06 10.60
CA VAL A 212 -17.91 -26.70 11.43
C VAL A 212 -17.40 -26.82 12.86
N ASN A 213 -16.14 -27.23 13.02
CA ASN A 213 -15.62 -27.43 14.36
C ASN A 213 -15.42 -26.11 15.10
N LEU A 214 -14.96 -25.07 14.40
CA LEU A 214 -14.74 -23.79 15.10
C LEU A 214 -16.05 -23.22 15.64
N ALA A 215 -17.16 -23.49 14.98
CA ALA A 215 -18.43 -22.91 15.41
C ALA A 215 -19.00 -23.59 16.63
N LYS A 216 -18.36 -24.66 17.10
CA LYS A 216 -18.80 -25.35 18.32
C LYS A 216 -18.09 -24.87 19.57
N SER A 217 -17.20 -23.90 19.43
CA SER A 217 -16.33 -23.46 20.52
C SER A 217 -16.98 -22.42 21.42
N ARG A 218 -16.39 -22.26 22.60
CA ARG A 218 -16.85 -21.19 23.47
C ARG A 218 -16.68 -19.83 22.80
N TRP A 219 -15.59 -19.68 22.05
CA TRP A 219 -15.33 -18.45 21.34
C TRP A 219 -16.51 -18.07 20.46
N TYR A 220 -17.02 -19.03 19.67
CA TYR A 220 -18.14 -18.72 18.81
C TYR A 220 -19.33 -18.26 19.64
N ASN A 221 -19.60 -18.97 20.75
CA ASN A 221 -20.78 -18.62 21.52
C ASN A 221 -20.64 -17.22 22.16
N GLN A 222 -19.43 -16.82 22.56
CA GLN A 222 -19.25 -15.53 23.20
C GLN A 222 -19.35 -14.38 22.19
N THR A 223 -18.74 -14.54 21.01
CA THR A 223 -18.77 -13.51 19.98
C THR A 223 -19.15 -14.15 18.65
N PRO A 224 -20.41 -14.54 18.49
CA PRO A 224 -20.80 -15.30 17.29
C PRO A 224 -20.74 -14.53 16.00
N ASN A 225 -21.05 -13.23 16.00
CA ASN A 225 -21.04 -12.53 14.72
C ASN A 225 -19.61 -12.32 14.25
N ARG A 226 -18.70 -11.98 15.17
CA ARG A 226 -17.28 -11.88 14.76
C ARG A 226 -16.73 -13.24 14.38
N ALA A 227 -17.03 -14.28 15.18
CA ALA A 227 -16.52 -15.61 14.85
C ALA A 227 -17.03 -16.08 13.51
N LYS A 228 -18.30 -15.78 13.18
CA LYS A 228 -18.83 -16.17 11.89
C LYS A 228 -18.00 -15.55 10.75
N ARG A 229 -17.60 -14.29 10.91
CA ARG A 229 -16.78 -13.63 9.89
C ARG A 229 -15.41 -14.29 9.77
N VAL A 230 -14.76 -14.51 10.91
CA VAL A 230 -13.44 -15.17 10.91
C VAL A 230 -13.55 -16.57 10.33
N ILE A 231 -14.62 -17.30 10.67
CA ILE A 231 -14.77 -18.65 10.19
C ILE A 231 -15.00 -18.68 8.69
N THR A 232 -15.80 -17.75 8.16
CA THR A 232 -16.00 -17.64 6.72
C THR A 232 -14.65 -17.42 6.03
N THR A 233 -13.78 -16.64 6.67
CA THR A 233 -12.47 -16.37 6.09
C THR A 233 -11.64 -17.65 6.06
N PHE A 234 -11.68 -18.44 7.14
CA PHE A 234 -11.01 -19.73 7.12
C PHE A 234 -11.65 -20.68 6.12
N ARG A 235 -12.99 -20.67 6.01
CA ARG A 235 -13.64 -21.66 5.14
C ARG A 235 -13.32 -21.41 3.68
N THR A 236 -13.32 -20.14 3.27
CA THR A 236 -13.28 -19.77 1.86
C THR A 236 -11.92 -19.24 1.39
N GLY A 237 -11.10 -18.74 2.30
CA GLY A 237 -9.89 -18.07 1.88
C GLY A 237 -10.13 -16.79 1.13
N THR A 238 -11.30 -16.19 1.32
CA THR A 238 -11.70 -14.93 0.70
C THR A 238 -12.07 -13.91 1.77
N TRP A 239 -12.25 -12.69 1.32
CA TRP A 239 -12.69 -11.56 2.11
C TRP A 239 -14.20 -11.37 2.08
N ASP A 240 -14.94 -12.41 1.73
CA ASP A 240 -16.39 -12.26 1.59
C ASP A 240 -17.08 -11.72 2.82
N ALA A 241 -16.52 -11.92 4.04
CA ALA A 241 -17.19 -11.47 5.25
C ALA A 241 -16.83 -10.05 5.64
N TYR A 242 -15.91 -9.41 4.92
CA TYR A 242 -15.44 -8.06 5.23
C TYR A 242 -15.72 -7.20 3.99
N THR A 243 -14.74 -6.42 3.52
CA THR A 243 -14.90 -5.74 2.23
C THR A 243 -14.59 -6.76 1.13
N LYS A 244 -15.64 -7.26 0.48
CA LYS A 244 -15.52 -8.31 -0.52
C LYS A 244 -14.84 -7.76 -1.77
N ASP A 245 -13.93 -8.55 -2.34
CA ASP A 245 -13.25 -8.15 -3.57
C ASP A 245 -14.28 -7.97 -4.68
N LEU A 246 -14.00 -7.04 -5.60
CA LEU A 246 -14.86 -6.78 -6.75
C LEU A 246 -14.15 -7.28 -8.00
N LEU A 247 -14.84 -8.11 -8.78
CA LEU A 247 -14.30 -8.72 -9.98
C LEU A 247 -14.93 -8.07 -11.20
N LEU A 248 -14.09 -7.62 -12.11
CA LEU A 248 -14.52 -6.86 -13.27
C LEU A 248 -13.85 -7.41 -14.53
N PRO A 249 -14.49 -7.27 -15.68
CA PRO A 249 -13.79 -7.55 -16.94
C PRO A 249 -12.76 -6.48 -17.26
N ILE A 250 -11.80 -6.85 -18.11
CA ILE A 250 -10.78 -5.90 -18.55
C ILE A 250 -11.38 -4.81 -19.43
N LYS A 251 -12.33 -5.17 -20.29
CA LYS A 251 -12.89 -4.22 -21.24
C LYS A 251 -14.07 -3.47 -20.61
N THR A 252 -13.93 -2.16 -20.45
CA THR A 252 -15.07 -1.35 -20.00
C THR A 252 -15.97 -1.02 -21.19
N PRO A 253 -17.28 -1.22 -21.07
CA PRO A 253 -18.17 -0.87 -22.19
C PRO A 253 -18.04 0.58 -22.61
N THR A 254 -18.06 0.81 -23.92
CA THR A 254 -17.95 2.17 -24.46
C THR A 254 -19.19 2.99 -24.21
N THR A 255 -20.26 2.40 -23.70
CA THR A 255 -21.39 3.19 -23.22
C THR A 255 -21.13 3.90 -21.90
N ASN A 256 -20.08 3.54 -21.19
CA ASN A 256 -19.72 4.25 -19.97
C ASN A 256 -19.25 5.67 -20.34
N ALA A 257 -19.54 6.61 -19.46
CA ALA A 257 -19.27 8.01 -19.72
C ALA A 257 -17.78 8.29 -19.72
N VAL A 258 -17.39 9.28 -20.50
CA VAL A 258 -16.03 9.83 -20.46
C VAL A 258 -16.08 11.11 -19.67
N HIS A 259 -15.24 11.23 -18.64
CA HIS A 259 -15.20 12.41 -17.81
C HIS A 259 -13.98 13.27 -18.12
N LYS A 260 -14.18 14.59 -17.99
CA LYS A 260 -13.06 15.56 -18.08
C LYS A 260 -12.52 15.63 -16.65
N CYS A 261 -11.31 15.18 -16.43
CA CYS A 261 -10.67 15.09 -15.13
C CYS A 261 -9.56 16.10 -15.05
N ARG A 262 -9.10 16.33 -13.83
CA ARG A 262 -8.00 17.26 -13.58
C ARG A 262 -6.97 16.55 -12.72
N VAL A 263 -5.72 16.50 -13.19
CA VAL A 263 -4.62 15.90 -12.46
C VAL A 263 -3.54 16.96 -12.32
N HIS A 264 -3.21 17.33 -11.09
CA HIS A 264 -2.25 18.39 -10.82
C HIS A 264 -2.51 19.62 -11.68
N GLY A 265 -3.78 20.00 -11.75
CA GLY A 265 -4.16 21.23 -12.41
C GLY A 265 -4.44 21.14 -13.89
N LEU A 266 -4.10 20.04 -14.55
CA LEU A 266 -4.23 19.94 -15.99
C LEU A 266 -5.27 18.91 -16.38
N GLU A 267 -5.95 19.18 -17.50
CA GLU A 267 -7.08 18.37 -17.91
C GLU A 267 -6.63 17.09 -18.59
N ILE A 268 -7.39 16.03 -18.36
CA ILE A 268 -7.19 14.75 -19.02
C ILE A 268 -8.49 13.97 -18.87
N GLU A 269 -8.81 13.20 -19.89
CA GLU A 269 -10.03 12.40 -19.86
C GLU A 269 -9.81 11.01 -19.22
N GLY A 270 -10.92 10.40 -18.83
CA GLY A 270 -10.93 9.00 -18.45
C GLY A 270 -12.32 8.45 -18.62
N ARG A 271 -12.39 7.16 -18.91
CA ARG A 271 -13.66 6.45 -19.08
C ARG A 271 -14.10 5.92 -17.72
N ASP A 272 -15.31 6.29 -17.30
CA ASP A 272 -15.87 5.79 -16.06
C ASP A 272 -15.88 4.26 -16.05
N CYS A 273 -15.42 3.67 -14.95
CA CYS A 273 -15.37 2.22 -14.87
C CYS A 273 -16.69 1.61 -14.42
N GLY A 274 -17.69 2.42 -14.11
CA GLY A 274 -19.02 1.92 -13.80
C GLY A 274 -19.42 2.12 -12.36
N GLU A 275 -20.72 1.96 -12.12
CA GLU A 275 -21.27 2.24 -10.81
C GLU A 275 -20.75 1.28 -9.74
N ALA A 276 -20.53 0.02 -10.10
CA ALA A 276 -20.02 -0.95 -9.12
C ALA A 276 -18.69 -0.49 -8.53
N THR A 277 -17.78 -0.01 -9.37
CA THR A 277 -16.50 0.46 -8.87
CA THR A 277 -16.49 0.46 -8.88
C THR A 277 -16.63 1.73 -8.06
N ALA A 278 -17.49 2.66 -8.50
CA ALA A 278 -17.69 3.90 -7.77
C ALA A 278 -18.19 3.60 -6.37
N GLN A 279 -19.20 2.72 -6.27
CA GLN A 279 -19.76 2.37 -4.96
C GLN A 279 -18.73 1.66 -4.09
N TRP A 280 -17.90 0.82 -4.70
CA TRP A 280 -16.96 0.02 -3.92
C TRP A 280 -15.88 0.91 -3.32
N ILE A 281 -15.30 1.79 -4.11
CA ILE A 281 -14.29 2.72 -3.62
C ILE A 281 -14.87 3.63 -2.56
N THR A 282 -16.03 4.23 -2.85
CA THR A 282 -16.64 5.18 -1.93
C THR A 282 -16.98 4.52 -0.62
N SER A 283 -17.51 3.30 -0.66
CA SER A 283 -17.81 2.59 0.57
C SER A 283 -16.56 2.28 1.38
N PHE A 284 -15.50 1.83 0.72
CA PHE A 284 -14.30 1.50 1.47
C PHE A 284 -13.69 2.71 2.14
N LEU A 285 -13.66 3.83 1.44
CA LEU A 285 -13.06 5.05 1.98
C LEU A 285 -14.01 5.79 2.88
N LYS A 286 -15.28 5.41 2.89
CA LYS A 286 -16.32 6.12 3.65
C LYS A 286 -16.29 7.61 3.28
N SER A 287 -16.19 7.84 1.98
CA SER A 287 -15.89 9.18 1.46
C SER A 287 -17.11 9.84 0.82
N GLN A 288 -16.90 11.06 0.38
CA GLN A 288 -17.78 11.64 -0.60
C GLN A 288 -17.84 10.74 -1.83
N PRO A 289 -18.85 10.91 -2.68
CA PRO A 289 -18.93 10.03 -3.87
C PRO A 289 -17.73 10.19 -4.79
N TYR A 290 -17.02 9.08 -5.01
CA TYR A 290 -15.92 9.06 -5.96
C TYR A 290 -16.22 8.09 -7.10
N ARG A 291 -15.53 8.29 -8.22
CA ARG A 291 -15.60 7.41 -9.37
C ARG A 291 -14.19 6.91 -9.67
N LEU A 292 -14.10 5.80 -10.39
CA LEU A 292 -12.85 5.35 -10.99
C LEU A 292 -12.92 5.55 -12.49
N VAL A 293 -11.87 6.10 -13.08
CA VAL A 293 -11.80 6.22 -14.52
C VAL A 293 -10.53 5.55 -15.03
N HIS A 294 -10.56 5.22 -16.31
CA HIS A 294 -9.47 4.58 -17.03
C HIS A 294 -9.08 5.34 -18.28
N PHE A 295 -7.78 5.51 -18.48
CA PHE A 295 -7.29 6.20 -19.67
C PHE A 295 -7.24 5.24 -20.84
N GLU A 296 -7.75 5.65 -21.97
CA GLU A 296 -7.76 4.89 -23.19
C GLU A 296 -6.82 5.56 -24.18
N PRO A 297 -6.16 4.80 -25.06
CA PRO A 297 -5.00 5.36 -25.78
C PRO A 297 -5.35 6.37 -26.85
N HIS A 298 -6.61 6.51 -27.22
CA HIS A 298 -7.00 7.59 -28.14
C HIS A 298 -7.26 8.90 -27.43
N MET A 299 -7.28 8.90 -26.10
CA MET A 299 -7.43 10.15 -25.37
C MET A 299 -6.14 10.99 -25.41
N ARG A 300 -6.29 12.30 -25.19
CA ARG A 300 -5.13 13.18 -25.19
C ARG A 300 -4.33 12.99 -23.91
N PRO A 301 -3.08 12.60 -23.98
CA PRO A 301 -2.29 12.42 -22.77
C PRO A 301 -1.86 13.75 -22.18
N ARG A 302 -1.44 13.69 -20.94
CA ARG A 302 -0.79 14.82 -20.31
C ARG A 302 0.65 14.89 -20.76
N ARG A 303 1.24 16.09 -20.64
CA ARG A 303 2.53 16.39 -21.29
C ARG A 303 3.54 16.77 -20.23
N PRO A 304 4.49 15.90 -19.89
CA PRO A 304 5.46 16.28 -18.87
C PRO A 304 6.19 17.60 -19.15
N HIS A 305 6.38 17.97 -20.40
CA HIS A 305 7.09 19.20 -20.72
C HIS A 305 6.34 20.43 -20.24
N GLN A 306 5.01 20.34 -20.18
CA GLN A 306 4.25 21.46 -19.61
C GLN A 306 4.42 21.55 -18.10
N ILE A 307 4.76 20.45 -17.44
CA ILE A 307 4.97 20.41 -16.00
C ILE A 307 6.39 20.82 -15.62
N ALA A 308 7.38 20.35 -16.37
CA ALA A 308 8.78 20.66 -16.14
C ALA A 308 9.47 20.65 -17.49
N ASP A 309 10.07 21.78 -17.86
CA ASP A 309 10.52 21.91 -19.25
C ASP A 309 11.78 21.11 -19.56
N LEU A 310 12.38 20.46 -18.56
CA LEU A 310 13.47 19.54 -18.86
C LEU A 310 12.95 18.30 -19.61
N PHE A 311 11.68 17.92 -19.44
CA PHE A 311 11.13 16.83 -20.24
C PHE A 311 10.97 17.26 -21.69
N ARG A 312 10.95 16.29 -22.59
CA ARG A 312 10.90 16.58 -24.03
C ARG A 312 9.48 16.95 -24.40
N PRO A 313 9.25 17.85 -25.37
CA PRO A 313 7.89 18.14 -25.82
C PRO A 313 7.09 16.90 -26.21
N LYS A 314 7.73 15.86 -26.74
CA LYS A 314 7.02 14.69 -27.20
C LYS A 314 6.61 13.76 -26.07
N ASP A 315 7.12 13.99 -24.86
CA ASP A 315 6.81 13.06 -23.76
C ASP A 315 5.31 13.10 -23.43
N GLN A 316 4.80 11.94 -22.99
CA GLN A 316 3.39 11.76 -22.68
C GLN A 316 3.24 10.90 -21.43
N ILE A 317 2.23 11.21 -20.61
CA ILE A 317 1.85 10.38 -19.46
C ILE A 317 0.33 10.35 -19.39
N ALA A 318 -0.19 9.39 -18.62
CA ALA A 318 -1.60 9.36 -18.31
C ALA A 318 -1.82 10.11 -17.00
N TYR A 319 -1.88 9.43 -15.87
CA TYR A 319 -2.24 10.06 -14.60
C TYR A 319 -1.07 10.14 -13.62
N SER A 320 0.15 9.78 -14.03
CA SER A 320 1.32 9.92 -13.16
CA SER A 320 1.29 9.91 -13.12
C SER A 320 1.55 11.39 -12.81
N ASP A 321 2.32 11.61 -11.74
CA ASP A 321 2.55 12.99 -11.28
CA ASP A 321 2.54 12.99 -11.29
C ASP A 321 3.26 13.81 -12.36
N THR A 322 4.37 13.30 -12.87
CA THR A 322 5.23 14.09 -13.75
C THR A 322 5.91 13.29 -14.83
N SER A 323 6.37 12.09 -14.50
CA SER A 323 7.31 11.34 -15.34
C SER A 323 6.77 9.98 -15.76
N PRO A 324 7.18 9.50 -16.92
CA PRO A 324 6.82 8.12 -17.29
C PRO A 324 7.45 7.09 -16.37
N PHE A 325 8.67 7.33 -15.85
CA PHE A 325 9.36 6.37 -14.99
C PHE A 325 10.00 7.04 -13.79
N LEU A 326 10.03 6.31 -12.67
CA LEU A 326 10.84 6.67 -11.49
C LEU A 326 11.77 5.50 -11.19
N ILE A 327 13.07 5.81 -11.05
CA ILE A 327 14.09 4.82 -10.76
C ILE A 327 14.71 5.13 -9.40
N LEU A 328 14.97 4.09 -8.61
CA LEU A 328 15.59 4.20 -7.30
C LEU A 328 16.52 3.01 -7.12
N SER A 329 17.62 3.22 -6.38
CA SER A 329 18.48 2.10 -6.07
C SER A 329 18.28 1.62 -4.64
N GLU A 330 18.53 0.33 -4.44
CA GLU A 330 18.55 -0.22 -3.09
C GLU A 330 19.51 0.55 -2.21
N ALA A 331 20.69 0.89 -2.72
CA ALA A 331 21.67 1.59 -1.90
C ALA A 331 21.10 2.90 -1.37
N SER A 332 20.43 3.67 -2.23
CA SER A 332 19.79 4.90 -1.77
C SER A 332 18.81 4.60 -0.63
N LEU A 333 18.03 3.53 -0.77
CA LEU A 333 17.04 3.18 0.25
C LEU A 333 17.71 2.75 1.54
N ALA A 334 18.74 1.91 1.44
CA ALA A 334 19.45 1.49 2.64
C ALA A 334 20.10 2.68 3.34
N ASP A 335 20.60 3.65 2.57
CA ASP A 335 21.25 4.80 3.19
C ASP A 335 20.26 5.62 4.00
N LEU A 336 19.10 5.90 3.42
CA LEU A 336 18.02 6.54 4.17
C LEU A 336 17.68 5.74 5.42
N ASN A 337 17.57 4.41 5.29
CA ASN A 337 17.08 3.62 6.42
C ASN A 337 18.05 3.66 7.59
N SER A 338 19.35 3.75 7.33
CA SER A 338 20.32 3.86 8.42
C SER A 338 20.17 5.17 9.20
N ARG A 339 19.34 6.09 8.73
CA ARG A 339 19.10 7.36 9.40
C ARG A 339 17.74 7.41 10.08
N LEU A 340 16.98 6.32 10.05
CA LEU A 340 15.60 6.29 10.51
C LEU A 340 15.42 5.32 11.65
N GLU A 341 14.57 5.67 12.62
CA GLU A 341 14.17 4.72 13.65
C GLU A 341 13.20 3.68 13.09
N LYS A 342 12.17 4.13 12.37
CA LYS A 342 11.23 3.23 11.71
C LYS A 342 11.68 3.02 10.26
N LYS A 343 12.03 1.79 9.94
CA LYS A 343 12.53 1.46 8.61
C LYS A 343 11.38 1.51 7.59
N VAL A 344 11.74 1.88 6.36
CA VAL A 344 10.76 1.99 5.29
C VAL A 344 11.18 1.07 4.16
N LYS A 345 10.23 0.79 3.28
CA LYS A 345 10.46 -0.03 2.10
C LYS A 345 10.39 0.85 0.86
N ALA A 346 10.76 0.28 -0.29
CA ALA A 346 10.71 1.04 -1.53
C ALA A 346 9.30 1.52 -1.83
N THR A 347 8.30 0.78 -1.32
CA THR A 347 6.89 1.08 -1.58
C THR A 347 6.52 2.50 -1.16
N ASN A 348 7.10 3.01 -0.08
CA ASN A 348 6.78 4.37 0.33
C ASN A 348 7.11 5.40 -0.75
N PHE A 349 8.06 5.10 -1.62
CA PHE A 349 8.57 6.04 -2.61
C PHE A 349 8.04 5.78 -4.00
N ARG A 350 7.30 4.70 -4.18
CA ARG A 350 6.54 4.41 -5.40
C ARG A 350 7.40 4.51 -6.66
N PRO A 351 8.57 3.88 -6.66
CA PRO A 351 9.36 3.75 -7.89
C PRO A 351 8.83 2.64 -8.78
N ASN A 352 9.16 2.76 -10.06
CA ASN A 352 8.86 1.69 -11.02
C ASN A 352 9.98 0.68 -11.16
N ILE A 353 11.23 1.12 -11.04
CA ILE A 353 12.39 0.26 -11.29
C ILE A 353 13.33 0.47 -10.12
N VAL A 354 13.63 -0.60 -9.39
CA VAL A 354 14.56 -0.57 -8.27
C VAL A 354 15.77 -1.39 -8.68
N ILE A 355 16.95 -0.78 -8.59
CA ILE A 355 18.20 -1.36 -9.07
C ILE A 355 19.10 -1.64 -7.88
N SER A 356 19.71 -2.83 -7.88
CA SER A 356 20.68 -3.25 -6.88
C SER A 356 22.09 -3.21 -7.46
N GLY A 357 23.07 -3.40 -6.58
CA GLY A 357 24.44 -3.57 -7.04
C GLY A 357 25.22 -2.29 -7.30
N CYS A 358 24.82 -1.16 -6.72
CA CYS A 358 25.50 0.10 -6.94
C CYS A 358 25.69 0.80 -5.60
N ASP A 359 26.48 1.88 -5.63
CA ASP A 359 26.69 2.66 -4.40
C ASP A 359 25.52 3.64 -4.21
N VAL A 360 25.50 4.29 -3.04
CA VAL A 360 24.36 5.13 -2.70
C VAL A 360 24.17 6.25 -3.72
N TYR A 361 22.92 6.48 -4.12
CA TYR A 361 22.55 7.57 -5.00
C TYR A 361 23.29 7.51 -6.33
N ALA A 362 23.80 6.33 -6.70
CA ALA A 362 24.44 6.18 -7.99
C ALA A 362 23.51 6.61 -9.12
N GLU A 363 22.21 6.33 -8.98
CA GLU A 363 21.29 6.63 -10.07
C GLU A 363 21.24 8.12 -10.38
N ASP A 364 21.66 8.97 -9.43
CA ASP A 364 21.59 10.41 -9.66
C ASP A 364 22.54 10.83 -10.79
N SER A 365 23.55 10.02 -11.09
CA SER A 365 24.51 10.34 -12.14
C SER A 365 24.47 9.39 -13.32
N TRP A 366 23.40 8.59 -13.46
CA TRP A 366 23.24 7.69 -14.58
C TRP A 366 22.42 8.37 -15.68
N ASP A 367 23.12 9.04 -16.59
CA ASP A 367 22.37 9.84 -17.55
C ASP A 367 21.69 9.01 -18.63
N GLU A 368 22.31 7.89 -19.04
CA GLU A 368 21.79 7.07 -20.13
CA GLU A 368 21.79 7.06 -20.11
C GLU A 368 21.98 5.61 -19.73
N LEU A 369 20.87 4.84 -19.71
CA LEU A 369 20.91 3.44 -19.29
C LEU A 369 20.43 2.52 -20.39
N LEU A 370 21.01 1.32 -20.43
CA LEU A 370 20.55 0.22 -21.27
C LEU A 370 20.18 -0.93 -20.36
N ILE A 371 18.94 -1.38 -20.45
CA ILE A 371 18.42 -2.50 -19.65
C ILE A 371 17.70 -3.42 -20.61
N GLY A 372 18.19 -4.64 -20.77
CA GLY A 372 17.63 -5.50 -21.79
C GLY A 372 17.80 -4.85 -23.16
N ASP A 373 16.70 -4.65 -23.89
CA ASP A 373 16.76 -3.89 -25.12
C ASP A 373 16.25 -2.45 -24.96
N VAL A 374 16.00 -2.02 -23.75
CA VAL A 374 15.37 -0.73 -23.48
C VAL A 374 16.46 0.28 -23.16
N GLU A 375 16.34 1.47 -23.73
CA GLU A 375 17.22 2.58 -23.41
C GLU A 375 16.40 3.64 -22.67
N LEU A 376 16.94 4.10 -21.55
CA LEU A 376 16.30 5.10 -20.70
C LEU A 376 17.20 6.31 -20.56
N LYS A 377 16.59 7.50 -20.50
CA LYS A 377 17.32 8.77 -20.40
C LYS A 377 16.90 9.50 -19.14
N ARG A 378 17.88 9.92 -18.35
CA ARG A 378 17.60 10.62 -17.11
C ARG A 378 17.17 12.04 -17.40
N VAL A 379 16.16 12.52 -16.68
CA VAL A 379 15.65 13.89 -16.87
C VAL A 379 15.98 14.76 -15.67
N MET A 380 15.50 14.39 -14.48
CA MET A 380 15.76 15.19 -13.29
C MET A 380 15.45 14.35 -12.05
N ALA A 381 15.84 14.86 -10.91
CA ALA A 381 15.59 14.16 -9.66
C ALA A 381 14.12 14.21 -9.30
N CYS A 382 13.70 13.22 -8.51
CA CYS A 382 12.36 13.18 -7.94
C CYS A 382 12.37 13.87 -6.58
N SER A 383 11.56 14.93 -6.45
CA SER A 383 11.44 15.68 -5.20
C SER A 383 10.25 15.14 -4.42
N ARG A 384 10.44 14.92 -3.12
CA ARG A 384 9.50 14.13 -2.36
C ARG A 384 8.53 15.01 -1.58
N CYS A 385 7.45 14.37 -1.13
CA CYS A 385 6.34 15.03 -0.45
C CYS A 385 5.77 14.12 0.62
N ILE A 386 4.65 14.54 1.23
CA ILE A 386 4.07 13.85 2.37
C ILE A 386 3.60 12.44 2.00
N LEU A 387 3.45 12.13 0.71
CA LEU A 387 3.01 10.79 0.35
C LEU A 387 3.99 9.74 0.86
N THR A 388 5.27 10.10 0.98
CA THR A 388 6.25 9.15 1.49
C THR A 388 5.97 8.76 2.94
N THR A 389 5.24 9.61 3.69
CA THR A 389 4.92 9.39 5.12
C THR A 389 3.67 8.50 5.22
N VAL A 390 2.82 8.48 4.19
CA VAL A 390 1.64 7.56 4.16
C VAL A 390 2.22 6.15 4.29
N ASP A 391 1.84 5.27 5.27
CA ASP A 391 2.35 3.90 5.53
C ASP A 391 1.66 2.86 4.62
N PRO A 392 2.39 2.07 3.80
CA PRO A 392 1.73 1.19 2.85
C PRO A 392 0.87 0.06 3.42
N ASP A 393 1.16 -0.40 4.63
CA ASP A 393 0.41 -1.52 5.26
C ASP A 393 -0.81 -0.97 6.02
N THR A 394 -0.72 0.16 6.69
CA THR A 394 -1.83 0.65 7.56
C THR A 394 -2.68 1.72 6.88
N GLY A 395 -2.17 2.41 5.89
CA GLY A 395 -2.91 3.51 5.23
C GLY A 395 -2.94 4.74 6.10
N VAL A 396 -2.05 4.81 7.10
CA VAL A 396 -2.01 5.93 8.07
C VAL A 396 -0.82 6.81 7.70
N MET A 397 -1.08 8.10 7.55
CA MET A 397 -0.02 9.07 7.17
C MET A 397 0.63 9.59 8.44
N SER A 398 1.94 9.41 8.57
CA SER A 398 2.71 9.94 9.74
C SER A 398 2.84 11.46 9.60
N ARG A 399 2.90 11.98 8.38
CA ARG A 399 3.11 13.43 8.09
C ARG A 399 4.47 13.88 8.62
N LYS A 400 5.29 12.97 9.12
CA LYS A 400 6.59 13.34 9.70
C LYS A 400 7.67 12.54 8.99
N GLU A 401 7.99 11.35 9.48
CA GLU A 401 9.07 10.52 8.91
C GLU A 401 8.51 9.67 7.78
N PRO A 402 9.27 9.34 6.72
CA PRO A 402 10.69 9.64 6.56
C PRO A 402 10.97 10.98 5.90
N LEU A 403 9.92 11.75 5.62
CA LEU A 403 10.12 12.98 4.87
C LEU A 403 11.01 13.97 5.64
N GLU A 404 10.88 14.01 6.97
CA GLU A 404 11.74 14.93 7.72
C GLU A 404 13.20 14.55 7.59
N THR A 405 13.52 13.28 7.85
CA THR A 405 14.91 12.84 7.75
C THR A 405 15.48 13.14 6.37
N LEU A 406 14.67 12.94 5.32
CA LEU A 406 15.13 13.28 3.98
C LEU A 406 15.35 14.77 3.83
N LYS A 407 14.50 15.58 4.46
CA LYS A 407 14.70 17.01 4.45
C LYS A 407 16.04 17.40 5.04
N SER A 408 16.57 16.57 5.94
CA SER A 408 17.75 16.95 6.70
C SER A 408 19.01 16.90 5.85
N TYR A 409 19.07 16.01 4.84
CA TYR A 409 20.33 15.77 4.14
C TYR A 409 20.20 15.63 2.63
N ARG A 410 19.00 15.69 2.05
CA ARG A 410 18.82 15.43 0.63
C ARG A 410 18.23 16.63 -0.10
N GLN A 411 18.43 17.82 0.44
CA GLN A 411 18.00 19.02 -0.27
C GLN A 411 18.86 19.23 -1.51
N CYS A 412 18.29 19.89 -2.50
CA CYS A 412 19.00 20.10 -3.75
C CYS A 412 20.10 21.15 -3.59
N ASP A 413 21.17 21.00 -4.37
CA ASP A 413 22.29 21.92 -4.31
C ASP A 413 21.79 23.36 -4.49
N PRO A 414 22.48 24.34 -3.91
CA PRO A 414 22.07 25.73 -4.15
C PRO A 414 22.09 26.08 -5.63
N SER A 415 22.96 25.43 -6.40
CA SER A 415 23.03 25.66 -7.84
C SER A 415 21.81 25.15 -8.59
N GLU A 416 20.86 24.48 -7.90
CA GLU A 416 19.74 23.83 -8.56
C GLU A 416 18.41 24.14 -7.89
N ARG A 417 18.30 25.26 -7.18
CA ARG A 417 17.14 25.49 -6.31
C ARG A 417 15.95 26.12 -7.02
N LYS A 418 16.03 26.35 -8.33
CA LYS A 418 14.83 26.77 -9.06
C LYS A 418 13.88 25.60 -9.29
N LEU A 419 14.42 24.45 -9.72
CA LEU A 419 13.59 23.29 -10.04
C LEU A 419 12.90 22.75 -8.79
N TYR A 420 13.70 22.39 -7.78
CA TYR A 420 13.23 21.55 -6.68
C TYR A 420 12.81 22.33 -5.44
N GLY A 421 13.25 23.57 -5.29
CA GLY A 421 12.95 24.30 -4.06
C GLY A 421 13.69 23.67 -2.91
N LYS A 422 12.98 23.41 -1.81
CA LYS A 422 13.54 22.73 -0.65
C LYS A 422 12.92 21.33 -0.46
N SER A 423 12.33 20.77 -1.49
CA SER A 423 11.85 19.39 -1.39
C SER A 423 13.02 18.44 -1.55
N PRO A 424 13.21 17.48 -0.65
CA PRO A 424 14.39 16.62 -0.76
C PRO A 424 14.29 15.70 -1.96
N LEU A 425 15.46 15.37 -2.50
CA LEU A 425 15.56 14.57 -3.72
C LEU A 425 15.81 13.11 -3.37
N PHE A 426 15.04 12.21 -3.98
CA PHE A 426 15.19 10.79 -3.66
C PHE A 426 14.64 10.03 -4.86
N GLY A 427 15.53 9.41 -5.62
CA GLY A 427 15.16 8.82 -6.88
C GLY A 427 15.27 9.78 -8.05
N GLN A 428 15.17 9.21 -9.25
CA GLN A 428 15.38 9.93 -10.50
C GLN A 428 14.27 9.62 -11.49
N TYR A 429 13.83 10.66 -12.19
CA TYR A 429 12.88 10.53 -13.27
C TYR A 429 13.61 10.23 -14.57
N PHE A 430 13.12 9.20 -15.28
CA PHE A 430 13.67 8.82 -16.57
C PHE A 430 12.57 8.79 -17.62
N VAL A 431 12.97 8.98 -18.89
CA VAL A 431 12.10 8.82 -20.04
C VAL A 431 12.67 7.73 -20.95
N LEU A 432 11.84 7.28 -21.88
CA LEU A 432 12.15 6.18 -22.78
C LEU A 432 12.87 6.71 -24.01
N GLU A 433 14.00 6.08 -24.35
CA GLU A 433 14.63 6.30 -25.64
C GLU A 433 14.33 5.18 -26.64
N ASN A 434 14.01 3.98 -26.18
CA ASN A 434 13.83 2.81 -27.01
C ASN A 434 12.89 1.83 -26.31
N PRO A 435 11.75 1.49 -26.90
CA PRO A 435 10.82 0.55 -26.26
C PRO A 435 11.36 -0.86 -26.27
N GLY A 436 10.81 -1.67 -25.38
CA GLY A 436 11.24 -3.04 -25.21
C GLY A 436 10.74 -3.58 -23.89
N THR A 437 11.30 -4.71 -23.49
CA THR A 437 10.92 -5.40 -22.27
C THR A 437 12.10 -5.44 -21.31
N ILE A 438 11.84 -5.16 -20.06
CA ILE A 438 12.83 -5.34 -19.02
C ILE A 438 12.36 -6.42 -18.04
N LYS A 439 13.34 -7.08 -17.42
CA LYS A 439 13.07 -8.18 -16.50
C LYS A 439 13.89 -8.02 -15.24
N VAL A 440 13.31 -8.44 -14.11
CA VAL A 440 14.09 -8.59 -12.90
C VAL A 440 15.24 -9.52 -13.20
N GLY A 441 16.45 -9.13 -12.77
CA GLY A 441 17.67 -9.85 -13.10
C GLY A 441 18.44 -9.22 -14.23
N ASP A 442 17.83 -8.31 -14.99
CA ASP A 442 18.54 -7.76 -16.14
C ASP A 442 19.71 -6.92 -15.65
N PRO A 443 20.90 -7.12 -16.18
CA PRO A 443 21.96 -6.13 -15.94
C PRO A 443 21.57 -4.76 -16.46
N VAL A 444 22.04 -3.75 -15.73
CA VAL A 444 21.84 -2.35 -16.06
C VAL A 444 23.19 -1.81 -16.51
N TYR A 445 23.25 -1.30 -17.72
CA TYR A 445 24.47 -0.80 -18.31
C TYR A 445 24.43 0.72 -18.43
N LEU A 446 25.52 1.37 -18.03
CA LEU A 446 25.68 2.81 -18.21
C LEU A 446 26.27 3.08 -19.58
N LEU A 447 25.56 3.86 -20.39
CA LEU A 447 26.02 4.19 -21.72
C LEU A 447 26.84 5.48 -21.71
N GLY A 448 27.68 5.63 -22.72
CA GLY A 448 28.48 6.85 -22.87
C GLY A 448 29.74 6.89 -22.03
MO EFK B . 6.16 12.74 -3.79
OT1 EFK B . 6.89 11.61 -2.73
OT2 EFK B . 6.86 14.61 -3.99
H1 EFK B . 6.71 14.96 -4.75
N1 MTE C . 6.55 7.39 -10.77
C2 MTE C . 6.39 7.82 -12.02
N2 MTE C . 6.42 6.90 -13.10
N3 MTE C . 6.18 9.16 -12.32
C4 MTE C . 6.13 10.09 -11.34
O4 MTE C . 5.96 11.24 -11.60
N5 MTE C . 6.25 10.64 -8.89
C6 MTE C . 6.77 10.10 -7.66
C7 MTE C . 6.30 8.65 -7.38
N8 MTE C . 6.69 7.74 -8.42
C9 MTE C . 6.30 9.68 -10.08
C10 MTE C . 6.51 8.27 -9.80
C1' MTE C . 6.25 10.86 -6.59
S1' MTE C . 7.03 12.42 -6.15
C2' MTE C . 4.91 10.54 -5.92
S2' MTE C . 4.41 11.31 -4.41
C3' MTE C . 4.19 9.38 -6.11
O3' MTE C . 4.93 8.60 -7.39
C4' MTE C . 2.90 9.60 -6.60
O4' MTE C . 2.34 8.32 -6.88
P MTE C . 0.83 8.38 -7.53
O1P MTE C . 0.92 9.21 -8.80
O2P MTE C . -0.11 8.98 -6.49
O3P MTE C . 0.48 6.96 -7.82
HN21 MTE C . 7.09 6.36 -13.19
HN22 MTE C . 5.77 6.86 -13.67
HN3 MTE C . 6.07 9.40 -13.13
HN5 MTE C . 6.64 11.42 -9.09
H6 MTE C . 7.72 10.16 -7.76
H7 MTE C . 6.68 8.35 -6.53
HN8 MTE C . 7.52 7.44 -8.29
H1S MTE C . 6.60 13.30 -6.86
H2S MTE C . 3.96 12.39 -4.66
H3' MTE C . 4.18 8.90 -5.26
H4'1 MTE C . 2.93 10.13 -7.41
H4'2 MTE C . 2.36 10.06 -5.93
C1 B3P D . -7.04 -8.77 24.26
C2 B3P D . -6.23 -7.75 23.42
C3 B3P D . -8.50 -8.37 24.44
N1 B3P D . -9.30 -8.49 23.23
C4 B3P D . -10.74 -8.33 23.42
C5 B3P D . -11.34 -7.89 22.09
C6 B3P D . -11.33 -9.67 23.84
C7 B3P D . -11.09 -7.22 24.45
N2 B3P D . -4.80 -8.10 23.48
C8 B3P D . -3.90 -7.27 22.65
C9 B3P D . -4.27 -5.80 22.77
C10 B3P D . -4.01 -7.63 21.16
C11 B3P D . -2.46 -7.53 23.07
O1 B3P D . -4.34 -5.37 24.12
O2 B3P D . -3.77 -8.99 20.97
O3 B3P D . -1.49 -6.75 22.41
O4 B3P D . -10.84 -8.77 21.07
O5 B3P D . -12.71 -9.53 24.04
O6 B3P D . -10.54 -5.97 24.12
H11 B3P D . -6.63 -8.85 25.13
H12 B3P D . -7.01 -9.63 23.81
H21 B3P D . -6.54 -7.78 22.49
H22 B3P D . -6.37 -6.86 23.77
H31 B3P D . -8.53 -7.45 24.73
H32 B3P D . -8.90 -8.94 25.12
HN1 B3P D . -9.03 -7.85 22.67
H51 B3P D . -12.31 -7.94 22.12
H52 B3P D . -11.07 -6.97 21.89
H61 B3P D . -11.16 -10.33 23.15
H62 B3P D . -10.91 -9.95 24.66
H71 B3P D . -12.05 -7.13 24.49
H72 B3P D . -10.75 -7.49 25.31
HN2 B3P D . -4.54 -8.00 24.32
H91 B3P D . -3.60 -5.27 22.30
H92 B3P D . -5.14 -5.66 22.35
H101 B3P D . -4.91 -7.43 20.84
H102 B3P D . -3.36 -7.12 20.66
H111 B3P D . -2.39 -7.36 24.02
H112 B3P D . -2.27 -8.47 22.90
HO1 B3P D . -4.02 -5.97 24.64
HO2 B3P D . -2.97 -9.10 20.66
HO3 B3P D . -0.92 -7.26 22.04
HO4 B3P D . -11.42 -8.86 20.47
HO5 B3P D . -13.13 -10.11 23.59
HO6 B3P D . -11.13 -5.46 23.80
CL CL E . -19.88 -10.93 18.07
#